data_3D4A
#
_entry.id   3D4A
#
_cell.length_a   101.521
_cell.length_b   65.913
_cell.length_c   56.966
_cell.angle_alpha   90.00
_cell.angle_beta   100.92
_cell.angle_gamma   90.00
#
_symmetry.space_group_name_H-M   'C 1 2 1'
#
loop_
_entity.id
_entity.type
_entity.pdbx_description
1 polymer Ribonuclease
2 non-polymer 'SULFATE ION'
3 non-polymer "GUANOSINE-3'-MONOPHOSPHATE"
4 water water
#
_entity_poly.entity_id   1
_entity_poly.type   'polypeptide(L)'
_entity_poly.pdbx_seq_one_letter_code
;ADPALADVCRTKLPSQAQDTLALIAKNGPYPYNRDGVVFENRESRLPKKGNGYYHEFTVVTPGSNDRGTRRVVTGGYGEQ
YWSPDHYATFQEIDPRC
;
_entity_poly.pdbx_strand_id   A,B,C
#
# COMPACT_ATOMS: atom_id res chain seq x y z
N PRO A 3 -14.97 -6.62 -23.32
CA PRO A 3 -16.20 -6.48 -22.52
C PRO A 3 -17.04 -5.28 -22.97
N ALA A 4 -18.14 -5.57 -23.69
CA ALA A 4 -19.07 -4.54 -24.14
C ALA A 4 -19.56 -3.76 -22.93
N LEU A 5 -19.45 -2.43 -23.00
CA LEU A 5 -20.06 -1.52 -22.00
C LEU A 5 -21.38 -0.98 -22.52
N ALA A 6 -22.31 -0.68 -21.62
CA ALA A 6 -23.54 0.07 -21.99
C ALA A 6 -23.24 1.53 -22.37
N ASP A 7 -23.99 2.04 -23.36
CA ASP A 7 -24.03 3.48 -23.71
C ASP A 7 -25.07 4.22 -22.87
N VAL A 8 -24.78 5.48 -22.53
CA VAL A 8 -25.74 6.38 -21.90
C VAL A 8 -25.67 7.75 -22.59
N CYS A 9 -26.83 8.29 -22.96
CA CYS A 9 -26.87 9.60 -23.60
C CYS A 9 -26.47 10.65 -22.61
N ARG A 10 -25.57 11.54 -23.01
CA ARG A 10 -25.17 12.67 -22.20
C ARG A 10 -26.37 13.40 -21.55
N THR A 11 -27.44 13.64 -22.34
CA THR A 11 -28.62 14.36 -21.81
C THR A 11 -29.45 13.58 -20.77
N LYS A 12 -29.22 12.27 -20.64
CA LYS A 12 -30.00 11.45 -19.71
C LYS A 12 -29.33 11.38 -18.32
N LEU A 13 -28.06 11.77 -18.26
CA LEU A 13 -27.28 11.79 -17.03
C LEU A 13 -27.78 12.83 -16.06
N PRO A 14 -27.55 12.60 -14.75
CA PRO A 14 -27.89 13.63 -13.76
C PRO A 14 -27.29 14.97 -14.14
N SER A 15 -28.01 16.07 -13.87
CA SER A 15 -27.48 17.41 -14.06
C SER A 15 -26.04 17.60 -13.54
N GLN A 16 -25.73 17.00 -12.40
CA GLN A 16 -24.41 17.15 -11.78
C GLN A 16 -23.31 16.46 -12.60
N ALA A 17 -23.67 15.36 -13.28
CA ALA A 17 -22.75 14.62 -14.12
C ALA A 17 -22.40 15.47 -15.35
N GLN A 18 -23.44 16.12 -15.90
CA GLN A 18 -23.29 17.02 -17.02
C GLN A 18 -22.45 18.23 -16.65
N ASP A 19 -22.66 18.74 -15.43
CA ASP A 19 -21.84 19.83 -14.85
C ASP A 19 -20.34 19.46 -14.90
N THR A 20 -20.03 18.26 -14.45
CA THR A 20 -18.67 17.72 -14.47
C THR A 20 -18.12 17.68 -15.90
N LEU A 21 -18.89 17.12 -16.82
CA LEU A 21 -18.48 17.07 -18.23
C LEU A 21 -18.11 18.47 -18.78
N ALA A 22 -18.87 19.48 -18.35
CA ALA A 22 -18.65 20.87 -18.72
C ALA A 22 -17.39 21.45 -18.06
N LEU A 23 -17.13 21.11 -16.81
CA LEU A 23 -15.88 21.54 -16.16
C LEU A 23 -14.66 20.91 -16.79
N ILE A 24 -14.75 19.64 -17.19
CA ILE A 24 -13.65 18.98 -17.91
C ILE A 24 -13.33 19.67 -19.25
N ALA A 25 -14.37 20.09 -19.97
CA ALA A 25 -14.20 20.75 -21.27
C ALA A 25 -13.52 22.09 -21.09
N LYS A 26 -13.83 22.72 -19.97
CA LYS A 26 -13.26 24.02 -19.56
C LYS A 26 -11.94 23.93 -18.79
N ASN A 27 -11.57 22.72 -18.36
CA ASN A 27 -10.39 22.46 -17.51
C ASN A 27 -10.49 23.08 -16.12
N GLY A 28 -11.64 22.89 -15.50
CA GLY A 28 -11.88 23.45 -14.21
C GLY A 28 -12.05 24.96 -14.30
N PRO A 29 -11.75 25.67 -13.20
CA PRO A 29 -11.33 25.13 -11.89
C PRO A 29 -12.26 24.06 -11.30
N TYR A 30 -11.68 23.01 -10.71
CA TYR A 30 -12.48 21.91 -10.16
C TYR A 30 -12.85 22.08 -8.67
N PRO A 31 -13.98 21.46 -8.24
CA PRO A 31 -14.35 21.52 -6.79
C PRO A 31 -13.44 20.79 -5.83
N TYR A 32 -12.81 19.70 -6.26
CA TYR A 32 -11.99 18.90 -5.37
C TYR A 32 -10.51 18.83 -5.79
N ASN A 33 -9.66 18.81 -4.79
CA ASN A 33 -8.24 18.50 -4.96
C ASN A 33 -7.96 17.17 -5.73
N ARG A 34 -8.76 16.13 -5.51
CA ARG A 34 -8.57 14.85 -6.25
C ARG A 34 -9.12 14.76 -7.67
N ASP A 35 -9.75 15.85 -8.13
CA ASP A 35 -10.22 15.93 -9.49
C ASP A 35 -9.02 16.05 -10.41
N GLY A 36 -9.02 15.23 -11.46
CA GLY A 36 -7.89 15.20 -12.37
C GLY A 36 -6.92 14.08 -12.11
N VAL A 37 -7.00 13.41 -10.97
CA VAL A 37 -5.99 12.34 -10.79
C VAL A 37 -6.23 11.11 -11.66
N VAL A 38 -5.14 10.42 -11.97
CA VAL A 38 -5.12 9.18 -12.76
C VAL A 38 -6.04 8.10 -12.16
N PHE A 39 -6.79 7.45 -13.05
CA PHE A 39 -7.54 6.25 -12.75
C PHE A 39 -6.85 5.08 -13.42
N GLU A 40 -6.47 4.04 -12.65
CA GLU A 40 -5.63 2.98 -13.18
C GLU A 40 -6.37 1.79 -13.87
N ASN A 41 -7.70 1.70 -13.73
CA ASN A 41 -8.50 0.68 -14.44
C ASN A 41 -8.07 -0.75 -14.07
N ARG A 42 -7.73 -0.94 -12.79
CA ARG A 42 -7.07 -2.16 -12.33
C ARG A 42 -7.96 -3.41 -12.47
N GLU A 43 -9.26 -3.21 -12.68
CA GLU A 43 -10.17 -4.32 -12.92
C GLU A 43 -10.48 -4.55 -14.40
N SER A 44 -9.84 -3.80 -15.30
CA SER A 44 -10.05 -3.92 -16.74
C SER A 44 -11.54 -3.72 -17.17
N ARG A 45 -12.29 -2.86 -16.48
CA ARG A 45 -13.67 -2.54 -16.89
C ARG A 45 -13.76 -1.60 -18.10
N LEU A 46 -12.78 -0.71 -18.23
CA LEU A 46 -12.65 0.13 -19.40
C LEU A 46 -11.63 -0.55 -20.32
N PRO A 47 -11.64 -0.21 -21.62
CA PRO A 47 -10.62 -0.80 -22.49
C PRO A 47 -9.22 -0.63 -21.88
N LYS A 48 -8.40 -1.67 -21.98
CA LYS A 48 -7.07 -1.60 -21.34
C LYS A 48 -6.12 -0.85 -22.22
N LYS A 49 -5.34 0.00 -21.59
CA LYS A 49 -4.48 0.95 -22.27
C LYS A 49 -3.25 1.04 -21.40
N GLY A 50 -2.37 1.98 -21.75
CA GLY A 50 -1.13 2.19 -21.02
C GLY A 50 -1.34 3.02 -19.78
N ASN A 51 -0.32 3.07 -18.93
CA ASN A 51 -0.44 3.83 -17.70
C ASN A 51 -0.79 5.32 -17.94
N GLY A 52 -1.62 5.88 -17.07
CA GLY A 52 -2.04 7.27 -17.16
C GLY A 52 -2.99 7.63 -18.29
N TYR A 53 -3.57 6.64 -18.97
CA TYR A 53 -4.54 6.89 -20.05
C TYR A 53 -5.86 7.55 -19.54
N TYR A 54 -6.26 7.17 -18.32
CA TYR A 54 -7.53 7.56 -17.72
C TYR A 54 -7.39 8.49 -16.49
N HIS A 55 -8.28 9.46 -16.36
CA HIS A 55 -8.33 10.34 -15.23
C HIS A 55 -9.77 10.36 -14.72
N GLU A 56 -9.92 10.52 -13.40
CA GLU A 56 -11.26 10.61 -12.79
C GLU A 56 -11.58 12.02 -12.29
N PHE A 57 -12.88 12.35 -12.32
CA PHE A 57 -13.41 13.63 -11.85
C PHE A 57 -14.67 13.38 -11.02
N THR A 58 -14.80 14.08 -9.91
CA THR A 58 -15.98 13.89 -9.05
C THR A 58 -17.23 14.53 -9.64
N VAL A 59 -18.33 13.77 -9.58
CA VAL A 59 -19.67 14.28 -9.90
C VAL A 59 -20.33 14.59 -8.56
N VAL A 60 -20.63 15.86 -8.34
CA VAL A 60 -21.18 16.31 -7.06
C VAL A 60 -22.45 15.53 -6.70
N THR A 61 -22.49 15.08 -5.45
CA THR A 61 -23.69 14.54 -4.86
C THR A 61 -24.17 15.56 -3.85
N PRO A 62 -25.27 16.28 -4.17
CA PRO A 62 -25.87 17.25 -3.27
C PRO A 62 -26.33 16.56 -2.01
N GLY A 63 -25.88 17.11 -0.86
CA GLY A 63 -26.31 16.62 0.43
C GLY A 63 -25.69 15.28 0.80
N SER A 64 -24.36 15.22 0.73
CA SER A 64 -23.60 14.29 1.57
C SER A 64 -23.04 15.22 2.64
N ASN A 65 -21.92 14.82 3.22
CA ASN A 65 -20.97 15.75 3.80
C ASN A 65 -19.68 15.57 3.02
N ASP A 66 -19.54 14.35 2.47
CA ASP A 66 -18.32 13.91 1.79
C ASP A 66 -18.39 14.03 0.27
N ARG A 67 -17.28 13.70 -0.37
CA ARG A 67 -17.15 13.67 -1.82
C ARG A 67 -18.16 12.73 -2.51
N GLY A 68 -18.47 11.60 -1.90
CA GLY A 68 -19.45 10.65 -2.48
C GLY A 68 -18.85 9.70 -3.49
N THR A 69 -19.70 9.03 -4.27
CA THR A 69 -19.21 7.92 -5.11
C THR A 69 -19.24 8.14 -6.63
N ARG A 70 -19.86 9.22 -7.09
CA ARG A 70 -20.18 9.34 -8.52
C ARG A 70 -19.01 10.00 -9.23
N ARG A 71 -18.70 9.51 -10.43
CA ARG A 71 -17.50 9.91 -11.15
C ARG A 71 -17.71 9.98 -12.67
N VAL A 72 -16.89 10.81 -13.32
CA VAL A 72 -16.61 10.69 -14.78
C VAL A 72 -15.14 10.29 -14.90
N VAL A 73 -14.87 9.36 -15.79
CA VAL A 73 -13.51 8.97 -16.17
C VAL A 73 -13.36 9.33 -17.65
N THR A 74 -12.25 9.97 -17.97
CA THR A 74 -11.94 10.40 -19.32
C THR A 74 -10.78 9.54 -19.80
N GLY A 75 -10.65 9.41 -21.13
CA GLY A 75 -9.55 8.72 -21.74
C GLY A 75 -8.66 9.73 -22.44
N GLY A 76 -7.53 9.26 -22.97
CA GLY A 76 -6.53 10.13 -23.61
C GLY A 76 -6.86 10.72 -24.97
N TYR A 77 -7.88 10.19 -25.65
CA TYR A 77 -8.39 10.81 -26.88
C TYR A 77 -9.76 11.49 -26.68
N GLY A 78 -10.24 11.53 -25.45
CA GLY A 78 -11.48 12.25 -25.12
C GLY A 78 -12.69 11.35 -24.91
N GLU A 79 -12.45 10.05 -24.74
CA GLU A 79 -13.51 9.12 -24.32
C GLU A 79 -14.03 9.57 -22.97
N GLN A 80 -15.34 9.47 -22.75
CA GLN A 80 -15.96 9.78 -21.47
C GLN A 80 -16.86 8.64 -20.98
N TYR A 81 -16.73 8.33 -19.69
CA TYR A 81 -17.42 7.25 -19.04
C TYR A 81 -18.05 7.72 -17.74
N TRP A 82 -19.25 7.21 -17.46
CA TRP A 82 -19.98 7.44 -16.25
C TRP A 82 -19.87 6.26 -15.28
N SER A 83 -19.62 6.56 -14.01
CA SER A 83 -19.69 5.61 -12.92
C SER A 83 -20.34 6.24 -11.71
N PRO A 84 -21.54 5.75 -11.30
CA PRO A 84 -22.22 6.28 -10.10
C PRO A 84 -21.78 5.69 -8.75
N ASP A 85 -20.85 4.72 -8.80
CA ASP A 85 -20.63 3.79 -7.71
C ASP A 85 -19.15 3.47 -7.50
N HIS A 86 -18.32 4.52 -7.46
CA HIS A 86 -16.87 4.43 -7.24
C HIS A 86 -16.21 3.35 -8.10
N TYR A 87 -16.48 3.37 -9.40
CA TYR A 87 -15.82 2.47 -10.37
C TYR A 87 -16.29 1.02 -10.34
N ALA A 88 -17.44 0.73 -9.73
CA ALA A 88 -17.98 -0.64 -9.78
C ALA A 88 -18.57 -0.91 -11.18
N THR A 89 -19.15 0.13 -11.77
CA THR A 89 -19.73 0.06 -13.11
C THR A 89 -19.43 1.33 -13.90
N PHE A 90 -19.39 1.14 -15.21
CA PHE A 90 -19.10 2.19 -16.17
C PHE A 90 -20.09 2.08 -17.34
N GLN A 91 -20.57 3.23 -17.78
CA GLN A 91 -21.21 3.38 -19.08
C GLN A 91 -20.40 4.37 -19.92
N GLU A 92 -20.23 4.07 -21.22
CA GLU A 92 -19.64 5.03 -22.16
C GLU A 92 -20.68 6.10 -22.44
N ILE A 93 -20.26 7.36 -22.28
CA ILE A 93 -21.16 8.52 -22.49
C ILE A 93 -21.24 8.87 -23.97
N ASP A 94 -22.46 8.89 -24.48
CA ASP A 94 -22.73 9.25 -25.86
C ASP A 94 -23.00 10.77 -25.90
N PRO A 95 -22.07 11.53 -26.53
CA PRO A 95 -22.25 12.97 -26.58
C PRO A 95 -23.35 13.47 -27.54
N ARG A 96 -23.83 12.60 -28.43
CA ARG A 96 -24.78 13.03 -29.47
C ARG A 96 -26.26 12.90 -29.10
N CYS A 97 -26.54 12.43 -27.88
CA CYS A 97 -27.92 12.40 -27.41
C CYS A 97 -28.05 12.81 -25.95
N ALA B 1 6.23 -14.38 25.32
CA ALA B 1 6.30 -13.13 26.16
C ALA B 1 5.09 -12.17 26.01
N ASP B 2 4.86 -11.43 27.11
CA ASP B 2 3.70 -10.57 27.44
C ASP B 2 4.20 -9.17 27.92
N PRO B 3 5.46 -9.05 28.37
CA PRO B 3 5.89 -7.72 28.82
C PRO B 3 5.86 -6.65 27.72
N ALA B 4 5.27 -5.49 28.03
CA ALA B 4 5.08 -4.49 27.00
C ALA B 4 6.43 -3.89 26.69
N LEU B 5 6.64 -3.62 25.40
CA LEU B 5 7.82 -2.91 24.91
C LEU B 5 7.40 -1.51 24.49
N ALA B 6 8.31 -0.55 24.55
CA ALA B 6 8.01 0.78 24.01
C ALA B 6 7.91 0.78 22.49
N ASP B 7 7.10 1.70 21.97
CA ASP B 7 7.03 1.96 20.53
C ASP B 7 7.98 3.10 20.20
N VAL B 8 8.65 3.01 19.06
CA VAL B 8 9.28 4.20 18.47
C VAL B 8 8.84 4.32 17.02
N CYS B 9 8.43 5.54 16.62
CA CYS B 9 8.11 5.86 15.24
C CYS B 9 9.32 5.63 14.36
N ARG B 10 9.07 5.10 13.17
CA ARG B 10 10.16 4.81 12.25
C ARG B 10 10.97 6.07 11.94
N THR B 11 10.27 7.19 11.68
CA THR B 11 10.90 8.48 11.34
C THR B 11 11.71 9.09 12.51
N LYS B 12 11.43 8.63 13.73
CA LYS B 12 12.15 9.09 14.91
C LYS B 12 13.42 8.28 15.20
N LEU B 13 13.56 7.11 14.58
CA LEU B 13 14.80 6.31 14.58
C LEU B 13 15.99 7.07 13.99
N PRO B 14 17.22 6.74 14.44
CA PRO B 14 18.44 7.32 13.87
C PRO B 14 18.52 7.09 12.36
N SER B 15 19.15 8.01 11.63
CA SER B 15 19.19 7.90 10.17
C SER B 15 19.77 6.56 9.68
N GLN B 16 20.76 6.04 10.41
CA GLN B 16 21.40 4.76 10.10
C GLN B 16 20.51 3.52 10.36
N ALA B 17 19.63 3.61 11.36
CA ALA B 17 18.66 2.53 11.60
C ALA B 17 17.57 2.47 10.54
N GLN B 18 17.20 3.63 9.98
CA GLN B 18 16.26 3.70 8.87
C GLN B 18 16.84 3.12 7.57
N ASP B 19 18.15 3.32 7.35
CA ASP B 19 18.88 2.74 6.22
C ASP B 19 18.86 1.20 6.28
N THR B 20 19.12 0.67 7.46
CA THR B 20 19.06 -0.78 7.70
C THR B 20 17.67 -1.34 7.38
N LEU B 21 16.62 -0.62 7.78
CA LEU B 21 15.26 -1.03 7.48
C LEU B 21 14.99 -1.06 5.97
N ALA B 22 15.49 -0.05 5.26
CA ALA B 22 15.37 0.03 3.80
C ALA B 22 16.12 -1.11 3.09
N LEU B 23 17.30 -1.45 3.61
CA LEU B 23 18.10 -2.58 3.16
C LEU B 23 17.40 -3.92 3.33
N ILE B 24 16.75 -4.09 4.48
CA ILE B 24 15.92 -5.24 4.77
C ILE B 24 14.75 -5.36 3.77
N ALA B 25 14.01 -4.26 3.60
CA ALA B 25 12.92 -4.21 2.62
C ALA B 25 13.38 -4.62 1.21
N LYS B 26 14.60 -4.24 0.85
CA LYS B 26 15.25 -4.62 -0.42
C LYS B 26 15.90 -6.01 -0.40
N ASN B 27 15.88 -6.69 0.74
CA ASN B 27 16.52 -8.01 0.88
C ASN B 27 18.01 -7.94 0.59
N GLY B 28 18.67 -6.93 1.12
CA GLY B 28 20.11 -6.75 0.92
C GLY B 28 20.48 -6.12 -0.41
N PRO B 29 21.79 -6.15 -0.77
CA PRO B 29 22.85 -6.88 -0.06
C PRO B 29 23.29 -6.15 1.21
N TYR B 30 23.75 -6.94 2.18
CA TYR B 30 24.10 -6.39 3.50
C TYR B 30 25.59 -6.14 3.67
N PRO B 31 25.97 -5.13 4.49
CA PRO B 31 27.38 -4.84 4.72
C PRO B 31 28.15 -5.93 5.48
N TYR B 32 27.48 -6.69 6.34
CA TYR B 32 28.14 -7.76 7.10
C TYR B 32 27.61 -9.15 6.81
N ASN B 33 28.48 -10.15 6.95
CA ASN B 33 28.10 -11.55 6.77
C ASN B 33 27.20 -12.04 7.92
N ARG B 34 27.27 -11.37 9.08
CA ARG B 34 26.38 -11.68 10.21
C ARG B 34 24.98 -11.02 10.16
N ASP B 35 24.69 -10.28 9.09
CA ASP B 35 23.37 -9.69 8.90
C ASP B 35 22.39 -10.73 8.40
N GLY B 36 21.26 -10.86 9.09
CA GLY B 36 20.26 -11.85 8.74
C GLY B 36 20.39 -13.22 9.37
N VAL B 37 21.42 -13.44 10.20
CA VAL B 37 21.52 -14.68 11.01
C VAL B 37 20.36 -14.71 12.00
N VAL B 38 19.95 -15.91 12.45
CA VAL B 38 18.89 -16.01 13.46
C VAL B 38 19.24 -15.30 14.76
N PHE B 39 18.28 -14.51 15.24
CA PHE B 39 18.20 -14.12 16.63
C PHE B 39 17.33 -15.15 17.36
N GLU B 40 17.94 -15.83 18.33
CA GLU B 40 17.33 -16.95 19.02
C GLU B 40 16.30 -16.53 20.07
N ASN B 41 16.38 -15.25 20.49
CA ASN B 41 15.54 -14.69 21.54
C ASN B 41 15.67 -15.47 22.84
N ARG B 42 16.92 -15.77 23.22
CA ARG B 42 17.21 -16.62 24.39
C ARG B 42 16.63 -16.11 25.71
N GLU B 43 16.67 -14.79 25.90
CA GLU B 43 16.32 -14.16 27.15
C GLU B 43 14.85 -13.74 27.27
N SER B 44 14.05 -14.09 26.26
CA SER B 44 12.64 -13.71 26.17
C SER B 44 12.34 -12.21 26.30
N ARG B 45 13.26 -11.36 25.86
CA ARG B 45 12.99 -9.93 25.86
C ARG B 45 11.93 -9.60 24.79
N LEU B 46 11.79 -10.49 23.80
CA LEU B 46 10.76 -10.40 22.74
C LEU B 46 9.71 -11.50 22.87
N PRO B 47 8.51 -11.30 22.27
CA PRO B 47 7.49 -12.36 22.42
C PRO B 47 8.05 -13.71 21.96
N LYS B 48 7.78 -14.74 22.74
CA LYS B 48 8.23 -16.09 22.46
C LYS B 48 7.51 -16.66 21.24
N LYS B 49 8.32 -17.12 20.27
CA LYS B 49 7.82 -17.66 19.01
C LYS B 49 8.67 -18.86 18.61
N GLY B 50 8.30 -19.52 17.51
CA GLY B 50 9.00 -20.73 17.06
C GLY B 50 10.42 -20.50 16.55
N ASN B 51 11.12 -21.60 16.25
CA ASN B 51 12.49 -21.50 15.78
C ASN B 51 12.54 -20.82 14.40
N GLY B 52 13.47 -19.88 14.24
CA GLY B 52 13.64 -19.15 12.95
C GLY B 52 12.79 -17.89 12.70
N TYR B 53 11.95 -17.51 13.66
CA TYR B 53 11.01 -16.36 13.56
C TYR B 53 11.73 -15.02 13.51
N TYR B 54 12.85 -14.95 14.21
CA TYR B 54 13.60 -13.72 14.37
C TYR B 54 14.98 -13.80 13.69
N HIS B 55 15.40 -12.64 13.16
CA HIS B 55 16.69 -12.48 12.49
C HIS B 55 17.21 -11.10 12.90
N GLU B 56 18.55 -10.96 12.92
CA GLU B 56 19.19 -9.74 13.37
C GLU B 56 20.05 -9.13 12.26
N PHE B 57 20.24 -7.82 12.31
CA PHE B 57 20.85 -7.03 11.25
C PHE B 57 21.58 -5.88 11.92
N THR B 58 22.80 -5.59 11.48
CA THR B 58 23.60 -4.51 12.06
C THR B 58 23.07 -3.13 11.66
N VAL B 59 23.19 -2.17 12.57
CA VAL B 59 22.92 -0.76 12.27
C VAL B 59 24.25 -0.02 12.45
N VAL B 60 24.64 0.77 11.46
CA VAL B 60 25.93 1.50 11.51
C VAL B 60 26.00 2.50 12.67
N THR B 61 27.08 2.48 13.43
CA THR B 61 27.38 3.55 14.38
C THR B 61 28.41 4.49 13.73
N PRO B 62 28.03 5.77 13.54
CA PRO B 62 28.86 6.77 12.85
C PRO B 62 30.18 7.07 13.56
N GLY B 63 31.24 7.24 12.77
CA GLY B 63 32.57 7.50 13.31
C GLY B 63 33.31 6.21 13.66
N ASP B 66 35.26 -1.20 12.58
CA ASP B 66 34.28 -1.38 13.66
C ASP B 66 32.90 -1.82 13.13
N ARG B 67 32.05 -2.32 14.03
CA ARG B 67 30.68 -2.76 13.66
C ARG B 67 29.61 -2.07 14.52
N GLY B 68 29.49 -2.49 15.79
CA GLY B 68 28.71 -1.75 16.77
C GLY B 68 27.81 -2.53 17.71
N THR B 69 26.90 -1.79 18.36
CA THR B 69 25.91 -2.35 19.27
C THR B 69 24.48 -2.13 18.76
N ARG B 70 24.34 -1.33 17.70
CA ARG B 70 23.04 -1.02 17.12
C ARG B 70 22.49 -2.17 16.26
N ARG B 71 21.24 -2.55 16.51
CA ARG B 71 20.66 -3.72 15.89
C ARG B 71 19.21 -3.51 15.51
N VAL B 72 18.82 -4.17 14.43
CA VAL B 72 17.42 -4.32 14.10
C VAL B 72 17.13 -5.81 14.17
N VAL B 73 16.00 -6.17 14.78
CA VAL B 73 15.53 -7.53 14.76
C VAL B 73 14.16 -7.54 14.05
N THR B 74 14.04 -8.40 13.04
CA THR B 74 12.79 -8.56 12.30
C THR B 74 12.08 -9.79 12.85
N GLY B 75 10.76 -9.75 12.87
CA GLY B 75 9.96 -10.95 13.18
C GLY B 75 9.37 -11.53 11.92
N GLY B 76 8.80 -12.73 12.03
CA GLY B 76 8.31 -13.52 10.88
C GLY B 76 7.06 -13.01 10.19
N TYR B 77 6.41 -12.00 10.74
CA TYR B 77 5.31 -11.33 10.04
C TYR B 77 5.60 -9.89 9.63
N GLY B 78 6.87 -9.50 9.61
CA GLY B 78 7.21 -8.12 9.30
C GLY B 78 7.35 -7.16 10.47
N GLU B 79 7.22 -7.66 11.69
CA GLU B 79 7.56 -6.88 12.87
C GLU B 79 9.03 -6.47 12.80
N GLN B 80 9.32 -5.25 13.24
CA GLN B 80 10.69 -4.77 13.33
C GLN B 80 10.93 -4.20 14.72
N TYR B 81 12.08 -4.52 15.28
CA TYR B 81 12.46 -4.07 16.60
C TYR B 81 13.80 -3.38 16.53
N TRP B 82 13.87 -2.25 17.22
CA TRP B 82 15.08 -1.49 17.35
C TRP B 82 15.77 -1.87 18.65
N SER B 83 17.06 -2.16 18.56
CA SER B 83 17.89 -2.34 19.76
C SER B 83 19.15 -1.50 19.67
N PRO B 84 19.21 -0.39 20.44
CA PRO B 84 20.42 0.45 20.38
C PRO B 84 21.59 -0.05 21.25
N ASP B 85 21.35 -1.09 22.06
CA ASP B 85 22.30 -1.52 23.10
C ASP B 85 22.62 -3.01 23.07
N HIS B 86 22.84 -3.53 21.88
CA HIS B 86 23.18 -4.94 21.65
C HIS B 86 22.28 -5.94 22.40
N TYR B 87 20.97 -5.88 22.10
CA TYR B 87 19.92 -6.81 22.57
C TYR B 87 19.46 -6.70 24.02
N ALA B 88 19.96 -5.69 24.73
CA ALA B 88 19.60 -5.46 26.13
C ALA B 88 18.16 -4.93 26.25
N THR B 89 17.79 -4.01 25.36
CA THR B 89 16.41 -3.53 25.23
C THR B 89 15.94 -3.52 23.77
N PHE B 90 14.63 -3.52 23.60
CA PHE B 90 13.96 -3.52 22.30
C PHE B 90 12.79 -2.55 22.28
N GLN B 91 12.69 -1.81 21.19
CA GLN B 91 11.55 -0.92 20.97
C GLN B 91 10.90 -1.36 19.68
N GLU B 92 9.60 -1.70 19.74
CA GLU B 92 8.88 -2.08 18.54
C GLU B 92 8.75 -0.86 17.62
N ILE B 93 9.24 -1.01 16.39
CA ILE B 93 9.25 0.08 15.44
C ILE B 93 7.85 0.30 14.84
N ASP B 94 7.28 1.48 15.09
CA ASP B 94 6.01 1.84 14.48
C ASP B 94 6.27 2.34 13.07
N PRO B 95 5.81 1.58 12.06
CA PRO B 95 6.07 1.99 10.70
C PRO B 95 5.03 3.02 10.23
N ARG B 96 4.00 3.26 11.04
CA ARG B 96 2.91 4.17 10.67
C ARG B 96 3.32 5.63 10.77
N CYS B 97 4.43 5.89 11.47
CA CYS B 97 4.77 7.27 11.87
C CYS B 97 6.26 7.58 11.83
N LEU C 5 -6.58 6.77 6.15
CA LEU C 5 -6.27 5.31 6.16
C LEU C 5 -6.58 4.64 7.51
N ALA C 6 -7.50 3.67 7.49
CA ALA C 6 -7.85 2.89 8.69
C ALA C 6 -6.75 1.91 9.09
N ASP C 7 -6.61 1.65 10.39
CA ASP C 7 -5.67 0.62 10.83
C ASP C 7 -6.37 -0.72 10.95
N VAL C 8 -5.58 -1.77 10.71
CA VAL C 8 -6.00 -3.17 10.83
C VAL C 8 -4.85 -3.94 11.48
N CYS C 9 -5.17 -4.63 12.57
CA CYS C 9 -4.22 -5.52 13.24
C CYS C 9 -3.87 -6.63 12.30
N ARG C 10 -2.60 -6.99 12.26
CA ARG C 10 -2.18 -8.09 11.45
C ARG C 10 -2.99 -9.37 11.77
N THR C 11 -3.25 -9.61 13.06
CA THR C 11 -3.85 -10.87 13.52
C THR C 11 -5.30 -10.98 13.11
N LYS C 12 -5.89 -9.85 12.73
CA LYS C 12 -7.29 -9.82 12.36
C LYS C 12 -7.52 -9.87 10.83
N LEU C 13 -6.42 -9.84 10.07
CA LEU C 13 -6.44 -10.10 8.62
C LEU C 13 -6.81 -11.54 8.31
N PRO C 14 -7.32 -11.81 7.09
CA PRO C 14 -7.56 -13.21 6.68
C PRO C 14 -6.24 -14.00 6.68
N SER C 15 -6.32 -15.26 7.07
CA SER C 15 -5.15 -16.13 7.14
C SER C 15 -4.31 -16.19 5.85
N GLN C 16 -4.90 -15.93 4.68
CA GLN C 16 -4.08 -15.90 3.46
C GLN C 16 -3.30 -14.59 3.31
N ALA C 17 -3.90 -13.48 3.74
CA ALA C 17 -3.19 -12.20 3.81
C ALA C 17 -1.99 -12.26 4.78
N GLN C 18 -2.13 -13.05 5.83
CA GLN C 18 -1.06 -13.28 6.79
C GLN C 18 -0.02 -14.26 6.20
N ASP C 19 -0.47 -15.24 5.43
CA ASP C 19 0.46 -16.16 4.74
C ASP C 19 1.40 -15.36 3.84
N THR C 20 0.82 -14.41 3.11
CA THR C 20 1.54 -13.53 2.21
C THR C 20 2.53 -12.61 2.94
N LEU C 21 2.11 -12.03 4.09
CA LEU C 21 3.01 -11.24 4.95
C LEU C 21 4.21 -12.03 5.44
N ALA C 22 3.99 -13.31 5.71
CA ALA C 22 5.08 -14.22 6.09
C ALA C 22 6.02 -14.46 4.89
N LEU C 23 5.44 -14.60 3.70
CA LEU C 23 6.27 -14.74 2.50
C LEU C 23 7.16 -13.51 2.29
N ILE C 24 6.59 -12.33 2.50
CA ILE C 24 7.32 -11.07 2.31
C ILE C 24 8.51 -10.92 3.29
N ALA C 25 8.26 -11.24 4.56
CA ALA C 25 9.33 -11.34 5.57
C ALA C 25 10.43 -12.34 5.20
N LYS C 26 10.11 -13.38 4.42
CA LYS C 26 11.12 -14.42 4.07
C LYS C 26 11.87 -14.00 2.80
N ASN C 27 11.37 -12.96 2.15
CA ASN C 27 11.68 -12.62 0.75
C ASN C 27 11.33 -13.71 -0.22
N GLY C 28 10.13 -14.27 -0.06
CA GLY C 28 9.64 -15.31 -0.98
C GLY C 28 10.17 -16.69 -0.66
N PRO C 29 10.25 -17.58 -1.68
CA PRO C 29 9.94 -17.26 -3.10
C PRO C 29 8.45 -17.03 -3.35
N TYR C 30 8.15 -16.15 -4.31
CA TYR C 30 6.79 -15.69 -4.62
C TYR C 30 6.10 -16.49 -5.73
N PRO C 31 4.88 -16.99 -5.43
CA PRO C 31 4.18 -17.93 -6.32
C PRO C 31 3.54 -17.34 -7.59
N TYR C 32 3.06 -16.10 -7.53
CA TYR C 32 2.22 -15.54 -8.61
C TYR C 32 2.89 -14.49 -9.49
N ASN C 33 2.52 -14.49 -10.77
CA ASN C 33 3.08 -13.60 -11.79
C ASN C 33 3.45 -12.13 -11.43
N ARG C 34 2.58 -11.36 -10.85
CA ARG C 34 3.02 -10.00 -10.66
C ARG C 34 3.69 -9.76 -9.31
N ASP C 35 3.86 -10.81 -8.50
CA ASP C 35 4.31 -10.62 -7.12
C ASP C 35 5.62 -9.90 -7.14
N GLY C 36 5.68 -8.84 -6.35
CA GLY C 36 6.90 -8.09 -6.15
C GLY C 36 7.10 -6.96 -7.14
N VAL C 37 6.16 -6.76 -8.06
CA VAL C 37 6.23 -5.57 -8.94
C VAL C 37 5.93 -4.25 -8.22
N VAL C 38 6.58 -3.19 -8.70
CA VAL C 38 6.30 -1.85 -8.27
C VAL C 38 4.80 -1.56 -8.37
N PHE C 39 4.26 -1.05 -7.27
CA PHE C 39 2.94 -0.49 -7.22
C PHE C 39 3.20 1.01 -7.44
N GLU C 40 2.85 1.52 -8.63
CA GLU C 40 3.26 2.89 -8.93
C GLU C 40 2.51 4.01 -8.17
N ASN C 41 1.31 3.70 -7.63
CA ASN C 41 0.53 4.58 -6.73
C ASN C 41 0.07 5.86 -7.45
N ARG C 42 -0.36 5.71 -8.70
CA ARG C 42 -0.77 6.86 -9.51
C ARG C 42 -2.15 7.36 -9.14
N GLU C 43 -2.95 6.49 -8.54
CA GLU C 43 -4.21 6.92 -7.96
C GLU C 43 -4.02 7.64 -6.62
N SER C 44 -2.77 7.76 -6.17
CA SER C 44 -2.38 8.48 -4.95
C SER C 44 -3.16 8.13 -3.69
N ARG C 45 -3.49 6.84 -3.50
CA ARG C 45 -4.26 6.40 -2.33
C ARG C 45 -3.38 6.18 -1.11
N LEU C 46 -2.13 5.85 -1.38
CA LEU C 46 -1.11 5.71 -0.36
C LEU C 46 -0.32 7.00 -0.31
N PRO C 47 0.40 7.26 0.81
CA PRO C 47 1.28 8.46 0.85
C PRO C 47 2.19 8.60 -0.38
N LYS C 48 2.25 9.81 -0.92
CA LYS C 48 3.12 10.09 -2.07
C LYS C 48 4.55 9.79 -1.64
N LYS C 49 5.24 8.97 -2.43
CA LYS C 49 6.65 8.71 -2.22
C LYS C 49 7.44 8.73 -3.55
N GLY C 50 8.76 8.64 -3.48
CA GLY C 50 9.59 8.48 -4.68
C GLY C 50 9.21 7.26 -5.54
N ASN C 51 9.69 7.25 -6.77
CA ASN C 51 9.38 6.18 -7.74
C ASN C 51 9.84 4.80 -7.27
N GLY C 52 9.04 3.77 -7.55
CA GLY C 52 9.37 2.40 -7.10
C GLY C 52 9.45 2.16 -5.60
N TYR C 53 8.77 3.01 -4.80
CA TYR C 53 8.79 2.91 -3.32
C TYR C 53 7.99 1.69 -2.82
N TYR C 54 6.95 1.35 -3.57
CA TYR C 54 5.93 0.37 -3.18
C TYR C 54 5.97 -0.86 -4.06
N HIS C 55 5.78 -2.02 -3.44
CA HIS C 55 5.64 -3.26 -4.16
C HIS C 55 4.31 -3.96 -3.86
N GLU C 56 3.77 -4.67 -4.85
CA GLU C 56 2.49 -5.34 -4.66
C GLU C 56 2.62 -6.84 -4.76
N PHE C 57 1.77 -7.53 -4.00
CA PHE C 57 1.80 -8.98 -3.88
C PHE C 57 0.36 -9.44 -3.91
N THR C 58 0.12 -10.59 -4.53
CA THR C 58 -1.19 -11.18 -4.55
C THR C 58 -1.43 -11.95 -3.24
N VAL C 59 -2.68 -11.88 -2.78
CA VAL C 59 -3.16 -12.71 -1.67
C VAL C 59 -4.21 -13.68 -2.25
N VAL C 60 -4.04 -14.97 -1.96
CA VAL C 60 -5.01 -15.98 -2.41
C VAL C 60 -6.43 -15.68 -1.92
N THR C 61 -7.38 -15.73 -2.84
CA THR C 61 -8.80 -15.78 -2.47
C THR C 61 -9.21 -17.26 -2.57
N PRO C 62 -9.53 -17.87 -1.42
CA PRO C 62 -9.85 -19.31 -1.46
C PRO C 62 -11.32 -19.53 -1.83
N ARG C 67 -7.20 -15.23 -9.92
CA ARG C 67 -6.17 -14.57 -9.11
C ARG C 67 -6.77 -13.66 -8.03
N GLY C 68 -8.00 -13.19 -8.29
CA GLY C 68 -8.79 -12.47 -7.29
C GLY C 68 -8.37 -11.04 -7.06
N THR C 69 -8.89 -10.47 -5.98
CA THR C 69 -8.78 -9.03 -5.71
C THR C 69 -7.90 -8.65 -4.52
N ARG C 70 -7.70 -9.57 -3.57
CA ARG C 70 -6.94 -9.26 -2.36
C ARG C 70 -5.46 -9.01 -2.68
N ARG C 71 -4.90 -7.95 -2.08
CA ARG C 71 -3.52 -7.56 -2.33
C ARG C 71 -2.84 -7.05 -1.06
N VAL C 72 -1.51 -7.19 -1.02
CA VAL C 72 -0.69 -6.48 -0.06
C VAL C 72 0.23 -5.55 -0.82
N VAL C 73 0.36 -4.32 -0.31
CA VAL C 73 1.36 -3.39 -0.79
C VAL C 73 2.35 -3.14 0.36
N THR C 74 3.65 -3.18 0.04
CA THR C 74 4.72 -2.91 1.02
C THR C 74 5.43 -1.58 0.71
N GLY C 75 6.03 -0.96 1.71
CA GLY C 75 6.80 0.27 1.50
C GLY C 75 8.29 0.06 1.74
N GLY C 76 9.11 0.99 1.27
CA GLY C 76 10.57 0.93 1.42
C GLY C 76 11.18 0.85 2.81
N TYR C 77 10.40 1.11 3.87
CA TYR C 77 10.87 0.99 5.27
C TYR C 77 10.22 -0.12 6.06
N GLY C 78 9.43 -0.94 5.38
CA GLY C 78 8.77 -2.08 6.02
C GLY C 78 7.30 -1.83 6.32
N GLU C 79 6.73 -0.75 5.79
CA GLU C 79 5.28 -0.52 5.91
C GLU C 79 4.54 -1.61 5.14
N GLN C 80 3.38 -1.99 5.65
CA GLN C 80 2.52 -2.96 5.00
C GLN C 80 1.11 -2.39 5.01
N TYR C 81 0.46 -2.51 3.85
CA TYR C 81 -0.89 -2.05 3.57
C TYR C 81 -1.75 -3.19 3.03
N TRP C 82 -3.01 -3.23 3.44
CA TRP C 82 -3.96 -4.26 3.06
C TRP C 82 -5.02 -3.70 2.13
N SER C 83 -5.35 -4.49 1.10
CA SER C 83 -6.39 -4.12 0.14
C SER C 83 -7.34 -5.28 -0.20
N PRO C 84 -8.56 -5.28 0.37
CA PRO C 84 -9.52 -6.37 0.12
C PRO C 84 -10.21 -6.32 -1.25
N ASP C 85 -9.96 -5.25 -2.01
CA ASP C 85 -10.75 -4.95 -3.18
C ASP C 85 -9.92 -4.43 -4.35
N HIS C 86 -8.72 -4.99 -4.51
CA HIS C 86 -7.90 -4.77 -5.73
C HIS C 86 -7.41 -3.31 -5.84
N TYR C 87 -6.84 -2.82 -4.74
CA TYR C 87 -6.28 -1.45 -4.63
C TYR C 87 -7.34 -0.34 -4.63
N ALA C 88 -8.62 -0.70 -4.57
CA ALA C 88 -9.72 0.28 -4.49
C ALA C 88 -9.68 1.08 -3.19
N THR C 89 -9.32 0.41 -2.09
CA THR C 89 -9.12 1.04 -0.77
C THR C 89 -7.89 0.45 -0.06
N PHE C 90 -7.45 1.08 1.03
CA PHE C 90 -6.27 0.59 1.75
C PHE C 90 -6.40 0.80 3.24
N GLN C 91 -5.99 -0.23 3.99
CA GLN C 91 -5.88 -0.18 5.44
C GLN C 91 -4.40 -0.40 5.78
N GLU C 92 -3.87 0.37 6.72
CA GLU C 92 -2.49 0.16 7.15
C GLU C 92 -2.45 -1.00 8.13
N ILE C 93 -1.60 -1.97 7.86
CA ILE C 93 -1.50 -3.14 8.70
C ILE C 93 -0.66 -2.82 9.93
N ASP C 94 -1.26 -3.04 11.11
CA ASP C 94 -0.57 -2.86 12.38
C ASP C 94 0.09 -4.19 12.81
N PRO C 95 1.42 -4.25 12.74
CA PRO C 95 2.16 -5.44 13.15
C PRO C 95 2.21 -5.66 14.68
N ARG C 96 1.75 -4.69 15.47
CA ARG C 96 1.77 -4.77 16.93
C ARG C 96 0.71 -5.72 17.50
N CYS C 97 -0.43 -5.83 16.83
CA CYS C 97 -1.61 -6.55 17.35
C CYS C 97 -2.15 -7.53 16.31
#